data_4UG8
#
_entry.id   4UG8
#
_cell.length_a   80.550
_cell.length_b   95.190
_cell.length_c   62.770
_cell.angle_alpha   90.00
_cell.angle_beta   90.00
_cell.angle_gamma   90.00
#
_symmetry.space_group_name_H-M   'P 21 21 2'
#
loop_
_entity.id
_entity.type
_entity.pdbx_description
1 polymer 'NITRIC OXIDE SYNTHASE OXYGENASE'
2 non-polymer 'PROTOPORPHYRIN IX CONTAINING FE'
3 non-polymer 5,6,7,8-TETRAHYDROBIOPTERIN
4 non-polymer 'CHLORIDE ION'
5 non-polymer 6-[5-({(3R,4R)-4-[(6-amino-4-methylpyridin-2-yl)methyl]pyrrolidin-3-yl}oxy)pentyl]-4-methylpyridin-2-amine
6 non-polymer GLYCEROL
7 water water
#
_entity_poly.entity_id   1
_entity_poly.type   'polypeptide(L)'
_entity_poly.pdbx_seq_one_letter_code
;MEEKEILWNEAKAFIAACYQELGKAAEVKDRLADIKSEIDLTGSYVHTKEELEHGAKMAWRNSNRCIGRLFWNSLNVIDR
RDVRTKEEVRDALFHHIETATNNGKIRPTITIFPPEEKGEKQVEIWNHQLIRYAGYESDGERIGDPASCSLTAACEELGW
RGERTDFDLLPLIFRMKGDEQPVWYELPRSLVIEVPITHPDIEAFSDLELKWYGVPIISDMKLEVGGIHYNAAPFNGWYM
GTEIGARNLADEKRYDKLKKVASVIGIAADYNTDLWKDQALVELNKAVLHSYKKQGVSIVDHHTAASQFKRFEEQAEEAG
RKLTGDWTWLIPPISPAATHIFHRSYDNSIVKPNYFYQDKPYE
;
_entity_poly.pdbx_strand_id   A
#
loop_
_chem_comp.id
_chem_comp.type
_chem_comp.name
_chem_comp.formula
CL non-polymer 'CHLORIDE ION' 'Cl -1'
GOL non-polymer GLYCEROL 'C3 H8 O3'
H4B non-polymer 5,6,7,8-TETRAHYDROBIOPTERIN 'C9 H15 N5 O3'
HEM non-polymer 'PROTOPORPHYRIN IX CONTAINING FE' 'C34 H32 Fe N4 O4'
HW1 non-polymer 6-[5-({(3R,4R)-4-[(6-amino-4-methylpyridin-2-yl)methyl]pyrrolidin-3-yl}oxy)pentyl]-4-methylpyridin-2-amine 'C22 H33 N5 O'
#
# COMPACT_ATOMS: atom_id res chain seq x y z
N GLU A 2 -16.46 3.13 28.23
CA GLU A 2 -15.02 3.19 27.97
C GLU A 2 -14.72 3.53 26.50
N GLU A 3 -15.58 3.06 25.59
CA GLU A 3 -15.36 3.27 24.15
C GLU A 3 -15.33 4.76 23.79
N LYS A 4 -16.31 5.51 24.30
CA LYS A 4 -16.37 6.96 24.09
C LYS A 4 -15.20 7.64 24.79
N GLU A 5 -14.78 7.05 25.91
CA GLU A 5 -13.61 7.52 26.63
C GLU A 5 -12.32 7.23 25.84
N ILE A 6 -12.25 6.06 25.21
CA ILE A 6 -11.15 5.73 24.31
C ILE A 6 -11.07 6.80 23.21
N LEU A 7 -12.23 7.19 22.70
CA LEU A 7 -12.33 8.16 21.61
C LEU A 7 -11.78 9.52 22.03
N TRP A 8 -12.27 10.02 23.17
CA TRP A 8 -11.88 11.34 23.68
C TRP A 8 -10.40 11.43 24.04
N ASN A 9 -9.85 10.33 24.55
CA ASN A 9 -8.43 10.28 24.92
C ASN A 9 -7.55 10.38 23.68
N GLU A 10 -7.90 9.61 22.65
CA GLU A 10 -7.17 9.65 21.38
C GLU A 10 -7.32 11.02 20.73
N ALA A 11 -8.51 11.60 20.83
CA ALA A 11 -8.79 12.91 20.24
C ALA A 11 -7.91 14.00 20.87
N LYS A 12 -7.85 14.00 22.20
CA LYS A 12 -7.00 14.91 22.96
C LYS A 12 -5.53 14.81 22.57
N ALA A 13 -5.05 13.57 22.41
CA ALA A 13 -3.66 13.35 22.06
C ALA A 13 -3.38 13.82 20.64
N PHE A 14 -4.27 13.44 19.72
CA PHE A 14 -4.10 13.80 18.31
C PHE A 14 -4.18 15.29 18.04
N ILE A 15 -5.25 15.95 18.49
CA ILE A 15 -5.45 17.38 18.25
C ILE A 15 -4.28 18.21 18.79
N ALA A 16 -3.86 17.93 20.02
CA ALA A 16 -2.69 18.56 20.60
C ALA A 16 -1.48 18.45 19.66
N ALA A 17 -1.09 17.21 19.32
CA ALA A 17 0.07 16.99 18.48
C ALA A 17 -0.06 17.63 17.10
N CYS A 18 -1.18 17.37 16.43
CA CYS A 18 -1.45 17.88 15.09
C CYS A 18 -1.36 19.41 15.03
N TYR A 19 -2.02 20.07 15.97
CA TYR A 19 -2.05 21.53 16.02
C TYR A 19 -0.69 22.14 16.38
N GLN A 20 0.06 21.46 17.25
CA GLN A 20 1.44 21.88 17.56
C GLN A 20 2.28 21.89 16.29
N GLU A 21 2.18 20.83 15.51
CA GLU A 21 2.93 20.72 14.26
C GLU A 21 2.48 21.75 13.23
N LEU A 22 1.22 22.14 13.31
CA LEU A 22 0.67 23.09 12.35
C LEU A 22 0.78 24.53 12.86
N GLY A 23 1.47 24.72 13.97
CA GLY A 23 1.62 26.04 14.58
C GLY A 23 0.29 26.63 15.03
N LYS A 24 -0.68 25.76 15.29
CA LYS A 24 -2.02 26.17 15.70
C LYS A 24 -2.29 25.79 17.15
N ALA A 25 -1.24 25.86 17.97
CA ALA A 25 -1.29 25.46 19.37
C ALA A 25 -2.37 26.19 20.19
N ALA A 26 -2.50 27.50 19.97
CA ALA A 26 -3.44 28.31 20.73
C ALA A 26 -4.90 27.89 20.53
N GLU A 27 -5.18 27.27 19.39
CA GLU A 27 -6.55 26.88 19.03
C GLU A 27 -6.95 25.51 19.56
N VAL A 28 -6.05 24.85 20.26
CA VAL A 28 -6.31 23.52 20.81
C VAL A 28 -7.45 23.53 21.84
N LYS A 29 -7.32 24.38 22.85
CA LYS A 29 -8.33 24.48 23.92
C LYS A 29 -9.76 24.58 23.41
N ASP A 30 -10.01 25.51 22.48
CA ASP A 30 -11.33 25.74 21.92
C ASP A 30 -11.83 24.55 21.08
N ARG A 31 -10.95 24.01 20.25
CA ARG A 31 -11.30 22.89 19.38
C ARG A 31 -11.62 21.64 20.20
N LEU A 32 -10.84 21.39 21.24
CA LEU A 32 -11.09 20.24 22.12
C LEU A 32 -12.44 20.35 22.84
N ALA A 33 -12.86 21.58 23.12
CA ALA A 33 -14.16 21.82 23.73
C ALA A 33 -15.27 21.40 22.78
N ASP A 34 -15.23 21.92 21.55
CA ASP A 34 -16.21 21.58 20.52
C ASP A 34 -16.31 20.06 20.34
N ILE A 35 -15.16 19.40 20.30
CA ILE A 35 -15.07 17.96 20.15
C ILE A 35 -15.69 17.24 21.34
N LYS A 36 -15.30 17.68 22.54
CA LYS A 36 -15.85 17.12 23.78
C LYS A 36 -17.37 17.14 23.77
N SER A 37 -17.93 18.26 23.35
CA SER A 37 -19.37 18.42 23.25
C SER A 37 -19.95 17.49 22.18
N GLU A 38 -19.34 17.51 21.00
CA GLU A 38 -19.84 16.70 19.87
C GLU A 38 -19.87 15.22 20.22
N ILE A 39 -18.83 14.74 20.91
CA ILE A 39 -18.78 13.36 21.36
C ILE A 39 -19.93 13.07 22.33
N ASP A 40 -20.11 13.93 23.33
CA ASP A 40 -21.25 13.84 24.25
C ASP A 40 -22.58 13.75 23.51
N LEU A 41 -22.75 14.61 22.51
CA LEU A 41 -24.02 14.72 21.80
C LEU A 41 -24.21 13.64 20.73
N THR A 42 -23.21 13.49 19.85
CA THR A 42 -23.35 12.66 18.65
C THR A 42 -22.78 11.25 18.77
N GLY A 43 -21.92 11.01 19.75
CA GLY A 43 -21.28 9.71 19.90
C GLY A 43 -19.98 9.62 19.12
N SER A 44 -19.60 10.74 18.51
CA SER A 44 -18.36 10.81 17.75
C SER A 44 -18.05 12.26 17.36
N TYR A 45 -16.99 12.45 16.58
CA TYR A 45 -16.63 13.78 16.07
C TYR A 45 -16.10 13.74 14.64
N VAL A 46 -16.06 14.90 14.01
CA VAL A 46 -15.76 15.01 12.58
C VAL A 46 -14.46 15.82 12.38
N HIS A 47 -13.50 15.28 11.65
CA HIS A 47 -12.26 16.02 11.43
C HIS A 47 -12.47 17.17 10.47
N THR A 48 -11.77 18.28 10.72
CA THR A 48 -11.67 19.37 9.75
C THR A 48 -10.79 18.82 8.64
N LYS A 49 -10.81 19.43 7.46
CA LYS A 49 -10.02 18.94 6.33
C LYS A 49 -8.51 18.99 6.62
N GLU A 50 -8.10 20.02 7.36
CA GLU A 50 -6.70 20.19 7.75
C GLU A 50 -6.27 19.05 8.69
N GLU A 51 -7.10 18.73 9.68
CA GLU A 51 -6.81 17.62 10.58
C GLU A 51 -6.70 16.30 9.81
N LEU A 52 -7.65 16.08 8.91
CA LEU A 52 -7.70 14.82 8.18
C LEU A 52 -6.44 14.66 7.34
N GLU A 53 -6.11 15.68 6.57
CA GLU A 53 -4.93 15.67 5.73
C GLU A 53 -3.65 15.41 6.55
N HIS A 54 -3.47 16.20 7.60
CA HIS A 54 -2.28 16.03 8.43
C HIS A 54 -2.26 14.69 9.17
N GLY A 55 -3.42 14.23 9.63
CA GLY A 55 -3.53 12.92 10.24
C GLY A 55 -3.03 11.82 9.33
N ALA A 56 -3.47 11.84 8.08
CA ALA A 56 -3.05 10.84 7.09
C ALA A 56 -1.54 10.91 6.85
N LYS A 57 -1.00 12.12 6.88
CA LYS A 57 0.44 12.30 6.72
C LYS A 57 1.21 11.77 7.94
N MET A 58 0.72 12.08 9.14
CA MET A 58 1.33 11.55 10.36
C MET A 58 1.30 10.04 10.34
N ALA A 59 0.18 9.49 9.89
CA ALA A 59 0.00 8.05 9.84
C ALA A 59 1.04 7.36 8.95
N TRP A 60 1.36 7.97 7.82
CA TRP A 60 2.42 7.44 6.96
C TRP A 60 3.75 7.59 7.70
N ARG A 61 3.95 8.73 8.36
CA ARG A 61 5.20 9.00 9.06
C ARG A 61 5.46 7.96 10.16
N ASN A 62 4.38 7.42 10.72
CA ASN A 62 4.47 6.49 11.83
C ASN A 62 4.50 5.01 11.40
N SER A 63 4.42 4.77 10.09
CA SER A 63 4.40 3.40 9.56
C SER A 63 5.77 2.73 9.65
N ASN A 64 6.00 2.04 10.77
CA ASN A 64 7.27 1.38 11.08
C ASN A 64 7.86 0.49 10.00
N ARG A 65 7.02 -0.10 9.17
CA ARG A 65 7.51 -1.03 8.15
C ARG A 65 7.89 -0.33 6.85
N CYS A 66 7.69 0.98 6.79
CA CYS A 66 7.87 1.70 5.52
C CYS A 66 9.22 2.41 5.36
N ILE A 67 9.97 2.02 4.33
CA ILE A 67 11.30 2.61 4.05
C ILE A 67 11.18 3.96 3.35
N GLY A 68 10.00 4.23 2.77
CA GLY A 68 9.83 5.40 1.93
C GLY A 68 9.22 6.60 2.63
N ARG A 69 9.32 6.63 3.95
CA ARG A 69 8.69 7.71 4.72
C ARG A 69 9.27 9.13 4.61
N LEU A 70 10.42 9.32 3.95
CA LEU A 70 11.00 10.68 3.79
C LEU A 70 9.99 11.66 3.23
N PHE A 71 9.11 11.16 2.37
CA PHE A 71 8.19 12.02 1.64
C PHE A 71 6.79 12.09 2.25
N TRP A 72 6.68 11.75 3.54
CA TRP A 72 5.40 11.77 4.25
C TRP A 72 4.63 13.09 4.09
N ASN A 73 5.35 14.21 4.14
CA ASN A 73 4.66 15.49 4.18
C ASN A 73 4.09 15.95 2.84
N SER A 74 4.44 15.25 1.77
CA SER A 74 3.88 15.59 0.44
C SER A 74 2.79 14.61 -0.02
N LEU A 75 2.33 13.74 0.87
CA LEU A 75 1.18 12.88 0.56
C LEU A 75 -0.01 13.69 0.05
N ASN A 76 -0.59 13.27 -1.07
CA ASN A 76 -1.77 13.92 -1.63
C ASN A 76 -3.05 13.32 -1.04
N VAL A 77 -3.77 14.09 -0.23
CA VAL A 77 -4.95 13.56 0.47
C VAL A 77 -6.26 13.95 -0.23
N ILE A 78 -7.05 12.94 -0.62
CA ILE A 78 -8.35 13.20 -1.25
C ILE A 78 -9.48 12.89 -0.26
N ASP A 79 -10.28 13.90 0.07
CA ASP A 79 -11.32 13.77 1.06
C ASP A 79 -12.63 13.30 0.41
N ARG A 80 -12.92 12.01 0.49
CA ARG A 80 -14.19 11.51 -0.03
C ARG A 80 -15.18 11.05 1.06
N ARG A 81 -15.21 11.79 2.17
CA ARG A 81 -16.13 11.48 3.27
C ARG A 81 -17.58 11.76 2.88
N ASP A 82 -17.77 12.32 1.68
CA ASP A 82 -19.10 12.69 1.21
C ASP A 82 -19.81 11.60 0.40
N VAL A 83 -19.11 10.52 0.06
CA VAL A 83 -19.72 9.49 -0.79
C VAL A 83 -20.82 8.73 -0.04
N ARG A 84 -21.92 8.44 -0.75
CA ARG A 84 -23.07 7.74 -0.17
C ARG A 84 -23.50 6.54 -1.01
N THR A 85 -23.06 6.49 -2.27
CA THR A 85 -23.51 5.46 -3.20
C THR A 85 -22.35 4.61 -3.75
N LYS A 86 -22.65 3.45 -4.30
CA LYS A 86 -21.60 2.56 -4.78
C LYS A 86 -20.99 3.09 -6.08
N GLU A 87 -21.79 3.81 -6.86
CA GLU A 87 -21.29 4.47 -8.05
C GLU A 87 -20.24 5.55 -7.72
N GLU A 88 -20.51 6.32 -6.66
CA GLU A 88 -19.55 7.32 -6.17
C GLU A 88 -18.27 6.65 -5.64
N VAL A 89 -18.43 5.54 -4.93
CA VAL A 89 -17.27 4.81 -4.43
C VAL A 89 -16.41 4.31 -5.60
N ARG A 90 -17.06 3.73 -6.59
CA ARG A 90 -16.39 3.23 -7.79
C ARG A 90 -15.66 4.34 -8.52
N ASP A 91 -16.35 5.46 -8.69
CA ASP A 91 -15.78 6.59 -9.42
C ASP A 91 -14.61 7.20 -8.69
N ALA A 92 -14.69 7.22 -7.35
CA ALA A 92 -13.60 7.69 -6.50
C ALA A 92 -12.37 6.77 -6.57
N LEU A 93 -12.62 5.46 -6.68
CA LEU A 93 -11.55 4.49 -6.82
C LEU A 93 -10.93 4.60 -8.22
N PHE A 94 -11.77 4.78 -9.23
CA PHE A 94 -11.27 4.98 -10.59
C PHE A 94 -10.40 6.23 -10.60
N HIS A 95 -10.90 7.32 -10.03
CA HIS A 95 -10.16 8.57 -9.98
C HIS A 95 -8.82 8.44 -9.24
N HIS A 96 -8.82 7.76 -8.10
CA HIS A 96 -7.58 7.55 -7.36
C HIS A 96 -6.54 6.89 -8.26
N ILE A 97 -6.93 5.82 -8.95
CA ILE A 97 -6.00 5.17 -9.86
C ILE A 97 -5.44 6.14 -10.91
N GLU A 98 -6.31 6.94 -11.50
CA GLU A 98 -5.89 7.85 -12.57
C GLU A 98 -4.94 8.95 -12.06
N THR A 99 -5.32 9.61 -10.97
CA THR A 99 -4.52 10.74 -10.49
C THR A 99 -3.22 10.28 -9.81
N ALA A 100 -3.25 9.10 -9.18
CA ALA A 100 -2.05 8.57 -8.56
C ALA A 100 -1.05 8.11 -9.62
N THR A 101 -1.56 7.51 -10.69
CA THR A 101 -0.69 7.04 -11.78
C THR A 101 -0.01 8.21 -12.49
N ASN A 102 -0.81 9.23 -12.83
CA ASN A 102 -0.28 10.47 -13.38
C ASN A 102 0.63 10.22 -14.58
N ASN A 103 0.18 9.37 -15.51
CA ASN A 103 0.94 9.02 -16.70
C ASN A 103 2.30 8.36 -16.45
N GLY A 104 2.45 7.71 -15.30
CA GLY A 104 3.73 7.12 -14.92
C GLY A 104 4.47 7.90 -13.84
N LYS A 105 4.24 9.21 -13.76
CA LYS A 105 4.89 10.00 -12.71
C LYS A 105 4.06 9.92 -11.43
N ILE A 106 4.19 8.80 -10.73
CA ILE A 106 3.30 8.45 -9.62
C ILE A 106 3.26 9.50 -8.51
N ARG A 107 2.04 9.87 -8.11
CA ARG A 107 1.82 10.75 -6.96
C ARG A 107 1.32 9.94 -5.78
N PRO A 108 2.09 9.90 -4.68
CA PRO A 108 1.60 9.25 -3.45
C PRO A 108 0.30 9.91 -3.04
N THR A 109 -0.78 9.13 -3.05
CA THR A 109 -2.13 9.64 -2.83
C THR A 109 -2.85 8.73 -1.86
N ILE A 110 -3.74 9.30 -1.05
CA ILE A 110 -4.69 8.50 -0.28
C ILE A 110 -6.08 9.11 -0.53
N THR A 111 -7.08 8.25 -0.75
CA THR A 111 -8.46 8.71 -0.84
C THR A 111 -9.13 8.23 0.43
N ILE A 112 -9.86 9.11 1.11
CA ILE A 112 -10.43 8.76 2.41
C ILE A 112 -11.96 8.71 2.36
N PHE A 113 -12.51 7.54 2.68
CA PHE A 113 -13.97 7.35 2.65
C PHE A 113 -14.55 7.54 4.05
N PRO A 114 -15.90 7.66 4.17
CA PRO A 114 -16.50 7.83 5.50
C PRO A 114 -16.00 6.76 6.48
N PRO A 115 -15.75 7.15 7.74
CA PRO A 115 -15.21 6.24 8.77
C PRO A 115 -16.28 5.32 9.35
N GLU A 116 -15.87 4.28 10.08
CA GLU A 116 -16.82 3.43 10.78
C GLU A 116 -17.63 4.29 11.74
N GLU A 117 -18.84 3.84 12.09
CA GLU A 117 -19.64 4.56 13.07
C GLU A 117 -19.66 3.82 14.40
N LYS A 118 -20.54 2.84 14.55
CA LYS A 118 -20.55 2.04 15.77
C LYS A 118 -19.62 0.83 15.60
N GLY A 119 -18.48 1.05 14.94
CA GLY A 119 -17.68 -0.06 14.46
C GLY A 119 -18.33 -0.58 13.18
N GLU A 120 -19.40 0.09 12.76
CA GLU A 120 -20.13 -0.26 11.56
C GLU A 120 -19.55 0.45 10.34
N LYS A 121 -19.08 -0.35 9.37
CA LYS A 121 -18.49 0.20 8.16
C LYS A 121 -19.54 0.81 7.24
N GLN A 122 -19.15 1.90 6.55
CA GLN A 122 -20.03 2.56 5.60
C GLN A 122 -19.67 2.02 4.21
N VAL A 123 -18.39 1.74 4.04
CA VAL A 123 -17.84 1.20 2.80
C VAL A 123 -16.83 0.13 3.19
N GLU A 124 -17.00 -1.08 2.66
CA GLU A 124 -16.12 -2.20 2.99
C GLU A 124 -15.41 -2.67 1.72
N ILE A 125 -14.14 -2.31 1.56
CA ILE A 125 -13.37 -2.68 0.38
C ILE A 125 -12.81 -4.10 0.53
N TRP A 126 -12.97 -4.93 -0.51
CA TRP A 126 -12.49 -6.33 -0.44
C TRP A 126 -11.10 -6.54 -1.04
N ASN A 127 -10.74 -5.69 -2.00
CA ASN A 127 -9.42 -5.80 -2.63
C ASN A 127 -8.30 -5.58 -1.60
N HIS A 128 -7.18 -6.28 -1.80
CA HIS A 128 -5.98 -6.02 -1.03
C HIS A 128 -5.28 -4.79 -1.62
N GLN A 129 -5.12 -4.81 -2.94
CA GLN A 129 -4.76 -3.60 -3.70
C GLN A 129 -5.83 -3.36 -4.75
N LEU A 130 -5.99 -2.10 -5.16
CA LEU A 130 -6.98 -1.74 -6.17
C LEU A 130 -6.63 -2.42 -7.50
N ILE A 131 -5.33 -2.50 -7.79
CA ILE A 131 -4.87 -3.22 -8.97
C ILE A 131 -4.05 -4.41 -8.48
N ARG A 132 -4.47 -5.61 -8.85
CA ARG A 132 -3.75 -6.84 -8.52
C ARG A 132 -4.18 -7.94 -9.47
N TYR A 133 -3.36 -8.97 -9.59
CA TYR A 133 -3.67 -10.06 -10.53
C TYR A 133 -4.39 -11.18 -9.82
N ALA A 134 -5.29 -11.85 -10.55
CA ALA A 134 -6.08 -12.97 -10.00
C ALA A 134 -5.21 -14.18 -9.85
N GLY A 135 -5.62 -15.10 -8.98
CA GLY A 135 -4.90 -16.34 -8.80
C GLY A 135 -5.84 -17.54 -8.82
N TYR A 136 -5.38 -18.62 -9.43
CA TYR A 136 -6.20 -19.82 -9.53
C TYR A 136 -5.38 -21.06 -9.16
N GLU A 137 -6.06 -22.01 -8.52
CA GLU A 137 -5.48 -23.32 -8.26
C GLU A 137 -6.59 -24.35 -8.29
N SER A 138 -6.43 -25.34 -9.15
CA SER A 138 -7.33 -26.48 -9.22
C SER A 138 -6.63 -27.55 -10.04
N ASP A 139 -6.80 -28.82 -9.65
CA ASP A 139 -6.29 -29.94 -10.42
C ASP A 139 -4.83 -29.76 -10.87
N GLY A 140 -3.94 -29.52 -9.92
CA GLY A 140 -2.53 -29.41 -10.19
C GLY A 140 -2.07 -28.15 -10.90
N GLU A 141 -2.98 -27.50 -11.63
CA GLU A 141 -2.63 -26.31 -12.41
C GLU A 141 -2.68 -25.01 -11.60
N ARG A 142 -1.53 -24.35 -11.48
CA ARG A 142 -1.48 -23.03 -10.87
C ARG A 142 -1.47 -21.97 -11.96
N ILE A 143 -2.35 -20.98 -11.83
CA ILE A 143 -2.37 -19.86 -12.76
C ILE A 143 -2.39 -18.54 -11.98
N GLY A 144 -1.61 -17.56 -12.44
CA GLY A 144 -1.64 -16.22 -11.85
C GLY A 144 -1.01 -16.15 -10.46
N ASP A 145 -1.48 -15.21 -9.65
CA ASP A 145 -0.85 -14.90 -8.37
C ASP A 145 -1.49 -15.71 -7.25
N PRO A 146 -0.74 -16.69 -6.70
CA PRO A 146 -1.38 -17.53 -5.69
C PRO A 146 -1.84 -16.71 -4.48
N ALA A 147 -1.25 -15.54 -4.23
CA ALA A 147 -1.68 -14.72 -3.10
C ALA A 147 -3.12 -14.20 -3.31
N SER A 148 -3.61 -14.26 -4.54
CA SER A 148 -4.95 -13.76 -4.88
C SER A 148 -6.03 -14.84 -4.90
N CYS A 149 -5.64 -16.10 -4.66
CA CYS A 149 -6.54 -17.24 -4.81
C CYS A 149 -7.87 -17.11 -4.10
N SER A 150 -7.84 -16.69 -2.83
CA SER A 150 -9.08 -16.64 -2.05
C SER A 150 -10.01 -15.51 -2.50
N LEU A 151 -9.45 -14.33 -2.75
CA LEU A 151 -10.27 -13.21 -3.26
C LEU A 151 -10.85 -13.54 -4.63
N THR A 152 -10.01 -14.09 -5.52
CA THR A 152 -10.45 -14.54 -6.84
C THR A 152 -11.65 -15.49 -6.77
N ALA A 153 -11.55 -16.50 -5.90
CA ALA A 153 -12.65 -17.44 -5.76
C ALA A 153 -13.91 -16.76 -5.20
N ALA A 154 -13.70 -15.74 -4.37
CA ALA A 154 -14.84 -14.99 -3.82
C ALA A 154 -15.51 -14.18 -4.92
N CYS A 155 -14.70 -13.51 -5.74
CA CYS A 155 -15.21 -12.78 -6.90
C CYS A 155 -15.99 -13.69 -7.83
N GLU A 156 -15.49 -14.90 -8.03
CA GLU A 156 -16.12 -15.82 -8.98
C GLU A 156 -17.39 -16.44 -8.42
N GLU A 157 -17.59 -16.32 -7.11
CA GLU A 157 -18.88 -16.63 -6.51
C GLU A 157 -19.90 -15.60 -6.98
N LEU A 158 -19.46 -14.34 -7.02
CA LEU A 158 -20.33 -13.20 -7.27
C LEU A 158 -20.62 -12.95 -8.77
N GLY A 159 -20.29 -13.92 -9.61
CA GLY A 159 -20.63 -13.85 -11.02
C GLY A 159 -19.55 -13.34 -11.94
N TRP A 160 -18.41 -12.94 -11.37
CA TRP A 160 -17.26 -12.55 -12.17
C TRP A 160 -16.58 -13.82 -12.66
N ARG A 161 -15.97 -13.77 -13.85
CA ARG A 161 -15.19 -14.89 -14.37
C ARG A 161 -13.87 -14.38 -14.92
N GLY A 162 -12.77 -14.97 -14.47
CA GLY A 162 -11.46 -14.55 -14.93
C GLY A 162 -11.11 -15.25 -16.22
N GLU A 163 -10.28 -14.61 -17.04
CA GLU A 163 -9.82 -15.22 -18.28
C GLU A 163 -8.79 -16.34 -18.06
N ARG A 164 -8.24 -16.39 -16.86
CA ARG A 164 -7.24 -17.40 -16.50
C ARG A 164 -5.95 -17.29 -17.31
N THR A 165 -5.52 -16.05 -17.55
CA THR A 165 -4.15 -15.77 -17.92
C THR A 165 -3.41 -15.61 -16.60
N ASP A 166 -2.10 -15.49 -16.64
CA ASP A 166 -1.37 -15.35 -15.39
C ASP A 166 -1.47 -13.94 -14.83
N PHE A 167 -2.17 -13.07 -15.56
CA PHE A 167 -2.22 -11.65 -15.23
C PHE A 167 -3.63 -11.06 -15.43
N ASP A 168 -4.66 -11.77 -15.00
CA ASP A 168 -6.01 -11.24 -14.99
C ASP A 168 -6.09 -10.09 -13.97
N LEU A 169 -6.60 -8.94 -14.37
CA LEU A 169 -6.79 -7.86 -13.39
C LEU A 169 -8.05 -8.19 -12.61
N LEU A 170 -7.96 -8.19 -11.29
CA LEU A 170 -9.16 -8.44 -10.48
C LEU A 170 -10.08 -7.24 -10.61
N PRO A 171 -11.40 -7.48 -10.51
CA PRO A 171 -12.30 -6.33 -10.54
C PRO A 171 -12.20 -5.61 -9.21
N LEU A 172 -12.63 -4.36 -9.13
CA LEU A 172 -12.81 -3.71 -7.83
C LEU A 172 -13.95 -4.42 -7.14
N ILE A 173 -13.82 -4.68 -5.85
CA ILE A 173 -14.93 -5.31 -5.14
C ILE A 173 -15.09 -4.74 -3.74
N PHE A 174 -16.29 -4.25 -3.46
CA PHE A 174 -16.56 -3.58 -2.19
C PHE A 174 -18.04 -3.66 -1.84
N ARG A 175 -18.33 -3.63 -0.55
CA ARG A 175 -19.71 -3.68 -0.08
C ARG A 175 -20.13 -2.39 0.63
N MET A 176 -21.35 -1.95 0.34
CA MET A 176 -21.93 -0.76 0.97
C MET A 176 -22.68 -1.15 2.23
N LYS A 177 -22.63 -0.27 3.24
CA LYS A 177 -23.42 -0.44 4.45
C LYS A 177 -24.87 -0.69 4.10
N GLY A 178 -25.42 -1.81 4.55
CA GLY A 178 -26.83 -2.10 4.31
C GLY A 178 -27.06 -3.18 3.27
N ASP A 179 -26.13 -3.29 2.31
CA ASP A 179 -26.21 -4.34 1.30
C ASP A 179 -25.64 -5.62 1.88
N GLU A 180 -26.22 -6.76 1.52
CA GLU A 180 -25.72 -8.04 1.97
C GLU A 180 -24.47 -8.48 1.21
N GLN A 181 -24.44 -8.18 -0.10
CA GLN A 181 -23.34 -8.62 -0.96
C GLN A 181 -22.53 -7.45 -1.52
N PRO A 182 -21.22 -7.65 -1.70
CA PRO A 182 -20.46 -6.57 -2.34
C PRO A 182 -20.87 -6.45 -3.81
N VAL A 183 -20.44 -5.39 -4.49
CA VAL A 183 -20.60 -5.33 -5.94
C VAL A 183 -19.20 -5.38 -6.53
N TRP A 184 -19.10 -5.66 -7.82
CA TRP A 184 -17.80 -5.61 -8.46
C TRP A 184 -17.85 -4.88 -9.80
N TYR A 185 -16.74 -4.26 -10.16
CA TYR A 185 -16.61 -3.54 -11.44
C TYR A 185 -15.27 -3.89 -12.07
N GLU A 186 -15.30 -4.31 -13.33
CA GLU A 186 -14.07 -4.50 -14.09
C GLU A 186 -13.31 -3.17 -14.16
N LEU A 187 -11.99 -3.23 -13.99
CA LEU A 187 -11.16 -2.05 -14.16
C LEU A 187 -11.01 -1.71 -15.64
N PRO A 188 -11.27 -0.44 -16.00
CA PRO A 188 -10.97 0.03 -17.36
C PRO A 188 -9.47 -0.10 -17.63
N ARG A 189 -9.08 -0.84 -18.66
CA ARG A 189 -7.68 -1.11 -18.91
C ARG A 189 -6.89 0.15 -19.25
N SER A 190 -7.57 1.17 -19.77
CA SER A 190 -6.96 2.47 -20.04
C SER A 190 -6.48 3.17 -18.77
N LEU A 191 -6.98 2.73 -17.62
CA LEU A 191 -6.57 3.30 -16.33
C LEU A 191 -5.34 2.59 -15.74
N VAL A 192 -5.09 1.36 -16.19
CA VAL A 192 -4.06 0.51 -15.58
C VAL A 192 -2.77 0.49 -16.38
N ILE A 193 -1.73 1.12 -15.86
CA ILE A 193 -0.42 1.06 -16.51
C ILE A 193 0.30 -0.24 -16.11
N GLU A 194 0.76 -1.00 -17.10
CA GLU A 194 1.55 -2.20 -16.83
C GLU A 194 2.92 -2.03 -17.48
N VAL A 195 3.93 -2.71 -16.93
CA VAL A 195 5.30 -2.64 -17.44
C VAL A 195 5.80 -4.03 -17.84
N PRO A 196 6.13 -4.21 -19.14
CA PRO A 196 6.74 -5.49 -19.53
C PRO A 196 8.18 -5.55 -19.03
N ILE A 197 8.59 -6.69 -18.48
CA ILE A 197 9.92 -6.78 -17.91
C ILE A 197 10.89 -7.19 -19.00
N THR A 198 11.81 -6.30 -19.34
CA THR A 198 12.93 -6.64 -20.21
C THR A 198 14.25 -6.42 -19.46
N HIS A 199 15.34 -6.93 -20.01
CA HIS A 199 16.65 -6.78 -19.37
C HIS A 199 17.52 -5.91 -20.27
N PRO A 200 18.32 -5.01 -19.66
CA PRO A 200 19.13 -4.06 -20.41
C PRO A 200 20.16 -4.71 -21.35
N ASP A 201 20.60 -5.94 -21.03
CA ASP A 201 21.70 -6.59 -21.76
C ASP A 201 21.29 -7.92 -22.37
N ILE A 202 20.33 -8.59 -21.75
CA ILE A 202 19.96 -9.96 -22.13
C ILE A 202 18.63 -9.97 -22.88
N GLU A 203 18.72 -10.06 -24.21
CA GLU A 203 17.53 -9.97 -25.06
C GLU A 203 16.51 -11.08 -24.80
N ALA A 204 16.99 -12.26 -24.44
CA ALA A 204 16.10 -13.40 -24.21
C ALA A 204 15.21 -13.24 -22.98
N PHE A 205 15.46 -12.21 -22.17
CA PHE A 205 14.69 -12.03 -20.95
C PHE A 205 13.21 -11.81 -21.26
N SER A 206 12.92 -11.21 -22.42
CA SER A 206 11.54 -10.96 -22.81
C SER A 206 10.78 -12.27 -23.08
N ASP A 207 11.51 -13.35 -23.32
CA ASP A 207 10.89 -14.67 -23.55
C ASP A 207 10.08 -15.12 -22.34
N LEU A 208 10.42 -14.59 -21.17
CA LEU A 208 9.73 -14.94 -19.93
C LEU A 208 8.32 -14.35 -19.90
N GLU A 209 8.10 -13.33 -20.74
CA GLU A 209 6.81 -12.65 -20.85
C GLU A 209 6.31 -12.23 -19.48
N LEU A 210 7.19 -11.64 -18.70
CA LEU A 210 6.85 -11.13 -17.38
C LEU A 210 6.35 -9.69 -17.51
N LYS A 211 5.43 -9.32 -16.63
CA LYS A 211 5.04 -7.93 -16.47
C LYS A 211 4.58 -7.70 -15.04
N TRP A 212 4.40 -6.44 -14.68
CA TRP A 212 3.80 -6.08 -13.40
C TRP A 212 3.02 -4.78 -13.57
N TYR A 213 2.13 -4.49 -12.64
CA TYR A 213 1.37 -3.24 -12.72
C TYR A 213 2.21 -2.09 -12.19
N GLY A 214 1.92 -0.87 -12.65
CA GLY A 214 2.71 0.29 -12.27
C GLY A 214 2.58 0.74 -10.82
N VAL A 215 1.37 0.70 -10.28
CA VAL A 215 1.11 1.39 -9.00
C VAL A 215 0.52 0.50 -7.92
N PRO A 216 1.21 0.37 -6.77
CA PRO A 216 0.68 -0.43 -5.65
C PRO A 216 -0.23 0.43 -4.79
N ILE A 217 -1.52 0.08 -4.72
CA ILE A 217 -2.50 0.90 -4.02
C ILE A 217 -3.19 0.06 -2.94
N ILE A 218 -2.63 0.10 -1.72
CA ILE A 218 -3.12 -0.73 -0.61
C ILE A 218 -4.52 -0.31 -0.21
N SER A 219 -5.50 -1.21 -0.35
CA SER A 219 -6.88 -0.84 -0.09
C SER A 219 -7.53 -1.61 1.03
N ASP A 220 -6.73 -2.28 1.87
CA ASP A 220 -7.32 -3.16 2.87
C ASP A 220 -6.89 -2.82 4.30
N MET A 221 -6.26 -1.67 4.49
CA MET A 221 -5.85 -1.26 5.83
C MET A 221 -6.77 -0.20 6.41
N LYS A 222 -6.75 -0.09 7.73
CA LYS A 222 -7.53 0.94 8.41
C LYS A 222 -6.62 2.10 8.79
N LEU A 223 -7.00 3.30 8.37
CA LEU A 223 -6.34 4.51 8.84
C LEU A 223 -6.99 4.97 10.13
N GLU A 224 -6.21 5.07 11.20
CA GLU A 224 -6.77 5.54 12.46
C GLU A 224 -6.19 6.91 12.81
N VAL A 225 -7.06 7.89 13.00
CA VAL A 225 -6.65 9.26 13.29
C VAL A 225 -7.48 9.78 14.44
N GLY A 226 -6.86 10.02 15.59
CA GLY A 226 -7.55 10.60 16.73
C GLY A 226 -8.78 9.84 17.17
N GLY A 227 -8.68 8.52 17.18
CA GLY A 227 -9.79 7.68 17.63
C GLY A 227 -10.86 7.45 16.59
N ILE A 228 -10.66 7.99 15.39
CA ILE A 228 -11.61 7.78 14.30
C ILE A 228 -11.08 6.69 13.38
N HIS A 229 -11.91 5.68 13.11
CA HIS A 229 -11.48 4.52 12.31
C HIS A 229 -11.89 4.61 10.83
N TYR A 230 -10.96 5.01 9.97
CA TYR A 230 -11.18 5.03 8.54
C TYR A 230 -10.76 3.70 7.92
N ASN A 231 -11.66 2.72 7.92
CA ASN A 231 -11.35 1.37 7.46
C ASN A 231 -11.16 1.33 5.96
N ALA A 232 -11.83 2.24 5.26
CA ALA A 232 -11.72 2.36 3.81
C ALA A 232 -10.95 3.64 3.47
N ALA A 233 -9.66 3.50 3.21
CA ALA A 233 -8.80 4.63 2.91
C ALA A 233 -7.60 4.18 2.08
N PRO A 234 -7.83 3.85 0.81
CA PRO A 234 -6.74 3.31 -0.01
C PRO A 234 -5.61 4.30 -0.23
N PHE A 235 -4.37 3.82 -0.18
CA PHE A 235 -3.22 4.70 -0.37
C PHE A 235 -2.16 4.06 -1.27
N ASN A 236 -1.36 4.89 -1.94
CA ASN A 236 -0.33 4.38 -2.82
C ASN A 236 0.98 5.17 -2.76
N GLY A 237 2.08 4.50 -3.10
CA GLY A 237 3.32 5.18 -3.37
C GLY A 237 3.74 4.71 -4.74
N TRP A 238 5.05 4.74 -4.99
CA TRP A 238 5.63 4.02 -6.13
C TRP A 238 6.39 2.81 -5.56
N TYR A 239 6.67 1.82 -6.39
CA TYR A 239 7.35 0.60 -5.94
C TYR A 239 8.85 0.82 -5.65
N MET A 240 9.37 0.09 -4.66
CA MET A 240 10.81 -0.17 -4.57
C MET A 240 10.96 -1.45 -5.38
N GLY A 241 11.97 -1.49 -6.26
CA GLY A 241 12.13 -2.61 -7.18
C GLY A 241 12.08 -4.00 -6.57
N THR A 242 12.75 -4.17 -5.42
CA THR A 242 12.81 -5.46 -4.75
C THR A 242 11.43 -6.03 -4.41
N GLU A 243 10.44 -5.17 -4.24
CA GLU A 243 9.10 -5.69 -3.92
C GLU A 243 8.61 -6.56 -5.08
N ILE A 244 9.00 -6.17 -6.29
CA ILE A 244 8.56 -6.87 -7.49
C ILE A 244 9.56 -7.98 -7.85
N GLY A 245 10.82 -7.61 -7.96
CA GLY A 245 11.86 -8.55 -8.39
C GLY A 245 12.27 -9.58 -7.36
N ALA A 246 12.15 -9.26 -6.07
CA ALA A 246 12.68 -10.19 -5.07
C ALA A 246 11.57 -10.93 -4.35
N ARG A 247 10.32 -10.51 -4.58
CA ARG A 247 9.20 -11.11 -3.85
C ARG A 247 8.04 -11.53 -4.78
N ASN A 248 7.36 -10.56 -5.38
CA ASN A 248 6.19 -10.84 -6.23
C ASN A 248 6.51 -11.82 -7.34
N LEU A 249 7.63 -11.59 -8.01
CA LEU A 249 8.03 -12.47 -9.12
C LEU A 249 8.91 -13.66 -8.69
N ALA A 250 9.55 -13.56 -7.53
CA ALA A 250 10.58 -14.53 -7.11
C ALA A 250 10.13 -15.58 -6.09
N ASP A 251 9.21 -15.21 -5.20
CA ASP A 251 8.83 -16.11 -4.10
C ASP A 251 8.24 -17.41 -4.65
N GLU A 252 8.57 -18.52 -4.00
CA GLU A 252 8.03 -19.81 -4.40
C GLU A 252 6.52 -19.83 -4.33
N LYS A 253 5.97 -19.12 -3.36
CA LYS A 253 4.53 -19.06 -3.16
C LYS A 253 3.88 -17.89 -3.92
N ARG A 254 4.65 -17.24 -4.78
CA ARG A 254 4.10 -16.22 -5.68
C ARG A 254 4.36 -16.65 -7.13
N TYR A 255 5.00 -15.82 -7.94
CA TYR A 255 5.20 -16.19 -9.34
C TYR A 255 6.33 -17.20 -9.57
N ASP A 256 7.20 -17.36 -8.58
CA ASP A 256 8.20 -18.44 -8.56
C ASP A 256 9.06 -18.50 -9.85
N LYS A 257 9.66 -17.39 -10.25
CA LYS A 257 10.31 -17.33 -11.57
C LYS A 257 11.82 -17.57 -11.60
N LEU A 258 12.45 -17.87 -10.47
CA LEU A 258 13.92 -17.90 -10.43
C LEU A 258 14.60 -18.93 -11.35
N LYS A 259 14.03 -20.12 -11.46
CA LYS A 259 14.59 -21.14 -12.36
C LYS A 259 14.51 -20.68 -13.81
N LYS A 260 13.37 -20.10 -14.17
CA LYS A 260 13.22 -19.57 -15.52
C LYS A 260 14.16 -18.40 -15.75
N VAL A 261 14.32 -17.55 -14.74
CA VAL A 261 15.29 -16.48 -14.86
C VAL A 261 16.70 -17.06 -15.05
N ALA A 262 17.02 -18.08 -14.27
CA ALA A 262 18.34 -18.71 -14.35
C ALA A 262 18.60 -19.20 -15.77
N SER A 263 17.61 -19.88 -16.35
CA SER A 263 17.74 -20.43 -17.68
C SER A 263 17.97 -19.35 -18.75
N VAL A 264 17.18 -18.28 -18.72
CA VAL A 264 17.30 -17.26 -19.76
C VAL A 264 18.57 -16.42 -19.64
N ILE A 265 19.16 -16.36 -18.46
CA ILE A 265 20.42 -15.62 -18.32
C ILE A 265 21.59 -16.57 -18.53
N GLY A 266 21.27 -17.81 -18.87
CA GLY A 266 22.26 -18.81 -19.23
C GLY A 266 23.11 -19.37 -18.10
N ILE A 267 22.54 -19.57 -16.91
CA ILE A 267 23.28 -20.23 -15.84
C ILE A 267 22.59 -21.49 -15.35
N ALA A 268 23.37 -22.48 -14.94
CA ALA A 268 22.82 -23.73 -14.43
C ALA A 268 22.12 -23.46 -13.10
N ALA A 269 21.05 -24.22 -12.84
CA ALA A 269 20.31 -24.09 -11.58
C ALA A 269 20.38 -25.40 -10.83
N ASP A 270 21.58 -25.95 -10.75
CA ASP A 270 21.80 -27.29 -10.19
C ASP A 270 22.48 -27.32 -8.83
N TYR A 271 23.36 -26.36 -8.54
CA TYR A 271 24.15 -26.40 -7.31
C TYR A 271 23.96 -25.16 -6.43
N ASN A 272 23.70 -25.38 -5.15
CA ASN A 272 23.56 -24.28 -4.19
C ASN A 272 24.82 -23.39 -4.19
N THR A 273 25.98 -24.02 -4.28
CA THR A 273 27.26 -23.31 -4.20
C THR A 273 27.53 -22.37 -5.39
N ASP A 274 26.77 -22.52 -6.47
CA ASP A 274 26.91 -21.62 -7.63
C ASP A 274 26.21 -20.29 -7.39
N LEU A 275 25.43 -20.24 -6.31
CA LEU A 275 24.63 -19.07 -5.96
C LEU A 275 23.74 -18.62 -7.13
N TRP A 276 23.24 -19.59 -7.90
CA TRP A 276 22.37 -19.28 -9.03
C TRP A 276 21.10 -18.51 -8.63
N LYS A 277 20.57 -18.78 -7.44
CA LYS A 277 19.38 -18.05 -7.03
C LYS A 277 19.71 -16.59 -6.77
N ASP A 278 20.86 -16.36 -6.17
CA ASP A 278 21.29 -15.00 -5.85
C ASP A 278 21.54 -14.24 -7.15
N GLN A 279 22.24 -14.89 -8.07
CA GLN A 279 22.53 -14.27 -9.37
C GLN A 279 21.24 -13.99 -10.14
N ALA A 280 20.34 -14.96 -10.16
CA ALA A 280 19.05 -14.78 -10.83
C ALA A 280 18.28 -13.61 -10.19
N LEU A 281 18.28 -13.57 -8.87
CA LEU A 281 17.61 -12.48 -8.16
C LEU A 281 18.12 -11.12 -8.61
N VAL A 282 19.43 -10.99 -8.70
CA VAL A 282 20.06 -9.72 -9.05
C VAL A 282 19.67 -9.29 -10.47
N GLU A 283 19.81 -10.20 -11.42
CA GLU A 283 19.47 -9.87 -12.81
C GLU A 283 17.99 -9.56 -12.97
N LEU A 284 17.14 -10.33 -12.30
CA LEU A 284 15.70 -10.06 -12.32
C LEU A 284 15.42 -8.67 -11.76
N ASN A 285 16.14 -8.31 -10.71
CA ASN A 285 15.92 -7.00 -10.11
C ASN A 285 16.46 -5.85 -10.94
N LYS A 286 17.53 -6.12 -11.69
CA LYS A 286 18.07 -5.12 -12.60
C LYS A 286 17.03 -4.90 -13.69
N ALA A 287 16.45 -6.00 -14.18
CA ALA A 287 15.43 -5.95 -15.24
C ALA A 287 14.22 -5.14 -14.81
N VAL A 288 13.74 -5.37 -13.60
CA VAL A 288 12.61 -4.60 -13.09
C VAL A 288 12.88 -3.10 -13.10
N LEU A 289 14.01 -2.67 -12.54
CA LEU A 289 14.34 -1.25 -12.49
C LEU A 289 14.50 -0.67 -13.89
N HIS A 290 15.17 -1.43 -14.75
CA HIS A 290 15.40 -0.97 -16.11
C HIS A 290 14.07 -0.81 -16.84
N SER A 291 13.18 -1.76 -16.64
CA SER A 291 11.92 -1.76 -17.38
C SER A 291 11.03 -0.60 -16.97
N TYR A 292 10.92 -0.36 -15.66
CA TYR A 292 10.09 0.74 -15.19
C TYR A 292 10.61 2.08 -15.67
N LYS A 293 11.92 2.27 -15.56
CA LYS A 293 12.56 3.50 -16.00
C LYS A 293 12.33 3.73 -17.50
N LYS A 294 12.46 2.66 -18.28
CA LYS A 294 12.30 2.78 -19.73
C LYS A 294 10.89 3.21 -20.10
N GLN A 295 9.91 2.78 -19.32
CA GLN A 295 8.51 3.11 -19.61
C GLN A 295 8.06 4.42 -18.97
N GLY A 296 8.94 5.05 -18.21
CA GLY A 296 8.59 6.31 -17.56
C GLY A 296 7.61 6.12 -16.42
N VAL A 297 7.71 4.98 -15.76
CA VAL A 297 6.92 4.73 -14.57
C VAL A 297 7.83 4.80 -13.36
N SER A 298 7.44 5.64 -12.39
CA SER A 298 8.21 5.84 -11.17
C SER A 298 8.53 4.54 -10.45
N ILE A 299 9.73 4.48 -9.88
CA ILE A 299 10.20 3.33 -9.13
C ILE A 299 11.48 3.78 -8.42
N VAL A 300 11.85 3.11 -7.32
CA VAL A 300 13.11 3.43 -6.64
C VAL A 300 13.87 2.12 -6.37
N ASP A 301 15.20 2.14 -6.46
CA ASP A 301 15.98 0.97 -6.09
C ASP A 301 16.19 0.99 -4.57
N HIS A 302 16.53 -0.16 -4.00
CA HIS A 302 16.62 -0.26 -2.54
C HIS A 302 17.79 0.55 -1.95
N HIS A 303 18.79 0.85 -2.78
CA HIS A 303 19.93 1.62 -2.28
C HIS A 303 19.54 3.09 -2.11
N THR A 304 18.88 3.64 -3.13
CA THR A 304 18.44 5.02 -3.10
C THR A 304 17.40 5.18 -2.01
N ALA A 305 16.49 4.21 -1.95
CA ALA A 305 15.45 4.22 -0.93
C ALA A 305 16.07 4.26 0.46
N ALA A 306 17.09 3.44 0.71
CA ALA A 306 17.72 3.43 2.02
C ALA A 306 18.40 4.74 2.30
N SER A 307 18.97 5.37 1.26
CA SER A 307 19.61 6.67 1.45
C SER A 307 18.57 7.72 1.83
N GLN A 308 17.39 7.61 1.21
CA GLN A 308 16.31 8.53 1.54
C GLN A 308 15.86 8.30 2.99
N PHE A 309 15.83 7.04 3.39
CA PHE A 309 15.40 6.70 4.75
C PHE A 309 16.34 7.24 5.80
N LYS A 310 17.64 7.23 5.49
CA LYS A 310 18.64 7.83 6.36
C LYS A 310 18.33 9.32 6.56
N ARG A 311 17.97 10.00 5.47
CA ARG A 311 17.56 11.40 5.57
C ARG A 311 16.28 11.53 6.41
N PHE A 312 15.35 10.60 6.26
CA PHE A 312 14.15 10.60 7.09
C PHE A 312 14.54 10.52 8.56
N GLU A 313 15.43 9.59 8.90
CA GLU A 313 15.95 9.47 10.26
C GLU A 313 16.55 10.78 10.77
N GLU A 314 17.37 11.42 9.94
CA GLU A 314 18.02 12.68 10.32
C GLU A 314 16.99 13.79 10.55
N GLN A 315 16.02 13.88 9.66
CA GLN A 315 14.95 14.87 9.81
C GLN A 315 14.19 14.70 11.12
N ALA A 316 13.84 13.45 11.41
CA ALA A 316 13.13 13.11 12.65
C ALA A 316 13.85 13.67 13.86
N GLU A 317 15.12 13.31 14.02
CA GLU A 317 15.92 13.79 15.14
C GLU A 317 16.03 15.33 15.16
N GLU A 318 16.24 15.92 13.99
CA GLU A 318 16.38 17.38 13.87
C GLU A 318 15.08 18.10 14.29
N ALA A 319 13.95 17.42 14.10
CA ALA A 319 12.66 17.96 14.47
C ALA A 319 12.22 17.54 15.86
N GLY A 320 13.04 16.74 16.55
CA GLY A 320 12.75 16.32 17.91
C GLY A 320 11.72 15.21 18.03
N ARG A 321 11.40 14.54 16.94
CA ARG A 321 10.48 13.42 16.99
C ARG A 321 11.23 12.11 17.18
N LYS A 322 10.74 11.28 18.07
CA LYS A 322 11.28 9.92 18.20
C LYS A 322 11.06 9.18 16.89
N LEU A 323 12.02 8.35 16.50
CA LEU A 323 11.88 7.55 15.29
C LEU A 323 11.48 6.13 15.69
N THR A 324 10.49 5.57 15.02
CA THR A 324 10.12 4.18 15.22
C THR A 324 10.26 3.41 13.90
N GLY A 325 10.60 2.13 13.99
CA GLY A 325 10.78 1.34 12.79
C GLY A 325 10.81 -0.16 13.04
N ASP A 326 10.39 -0.93 12.05
CA ASP A 326 10.48 -2.38 12.14
C ASP A 326 11.67 -2.87 11.31
N TRP A 327 12.79 -3.14 11.98
CA TRP A 327 14.02 -3.57 11.31
C TRP A 327 13.77 -4.70 10.33
N THR A 328 12.88 -5.63 10.68
CA THR A 328 12.69 -6.85 9.88
C THR A 328 12.00 -6.57 8.55
N TRP A 329 11.25 -5.47 8.50
CA TRP A 329 10.62 -5.05 7.24
C TRP A 329 11.41 -3.97 6.49
N LEU A 330 12.15 -3.15 7.23
CA LEU A 330 12.91 -2.05 6.63
C LEU A 330 14.10 -2.52 5.80
N ILE A 331 14.75 -3.60 6.21
CA ILE A 331 15.86 -4.14 5.41
C ILE A 331 15.35 -4.66 4.08
N PRO A 332 16.02 -4.30 2.99
CA PRO A 332 15.64 -4.85 1.69
C PRO A 332 15.98 -6.33 1.60
N PRO A 333 15.17 -7.11 0.86
CA PRO A 333 15.42 -8.56 0.75
C PRO A 333 16.63 -8.85 -0.14
N ILE A 334 17.25 -7.81 -0.68
CA ILE A 334 18.46 -8.03 -1.48
C ILE A 334 19.62 -7.14 -1.06
N SER A 335 20.78 -7.75 -0.87
CA SER A 335 21.95 -7.08 -0.27
C SER A 335 21.61 -6.21 0.94
N PRO A 336 20.86 -6.73 1.92
CA PRO A 336 20.50 -5.85 3.06
C PRO A 336 21.70 -5.24 3.77
N ALA A 337 22.78 -6.01 3.92
CA ALA A 337 23.94 -5.50 4.66
C ALA A 337 24.69 -4.37 3.93
N ALA A 338 24.27 -4.08 2.70
CA ALA A 338 24.85 -2.96 1.95
C ALA A 338 24.11 -1.65 2.21
N THR A 339 23.10 -1.68 3.09
CA THR A 339 22.38 -0.46 3.47
C THR A 339 22.67 -0.16 4.93
N HIS A 340 22.46 1.09 5.35
CA HIS A 340 22.80 1.48 6.72
C HIS A 340 21.79 0.88 7.69
N ILE A 341 20.56 0.71 7.21
CA ILE A 341 19.47 0.11 7.98
C ILE A 341 19.91 -1.20 8.66
N PHE A 342 20.57 -2.09 7.91
CA PHE A 342 21.01 -3.36 8.45
C PHE A 342 21.89 -3.20 9.69
N HIS A 343 22.67 -2.12 9.73
CA HIS A 343 23.70 -1.97 10.76
C HIS A 343 23.30 -1.15 12.00
N ARG A 344 22.02 -0.81 12.10
CA ARG A 344 21.52 -0.19 13.33
C ARG A 344 20.23 -0.87 13.78
N SER A 345 19.70 -0.44 14.92
CA SER A 345 18.45 -1.00 15.41
C SER A 345 17.34 0.06 15.44
N TYR A 346 16.09 -0.39 15.44
CA TYR A 346 14.95 0.53 15.47
C TYR A 346 13.95 0.15 16.56
N ASP A 347 13.37 1.17 17.20
CA ASP A 347 12.30 0.98 18.18
C ASP A 347 10.98 0.66 17.46
N ASN A 348 10.43 -0.52 17.70
CA ASN A 348 9.22 -0.94 16.96
C ASN A 348 7.90 -0.55 17.66
N SER A 349 7.91 0.53 18.42
CA SER A 349 6.69 0.97 19.11
C SER A 349 5.64 1.51 18.15
N ILE A 350 4.37 1.26 18.44
CA ILE A 350 3.26 1.79 17.63
C ILE A 350 2.91 3.20 18.08
N VAL A 351 3.01 4.16 17.17
CA VAL A 351 2.54 5.52 17.42
C VAL A 351 1.35 5.80 16.50
N LYS A 352 0.32 6.45 17.05
CA LYS A 352 -0.83 6.86 16.24
C LYS A 352 -0.77 8.37 15.96
N PRO A 353 -1.33 8.81 14.81
CA PRO A 353 -2.06 8.09 13.76
C PRO A 353 -1.23 7.02 13.07
N ASN A 354 -1.89 6.07 12.43
CA ASN A 354 -1.20 4.96 11.79
C ASN A 354 -2.15 4.17 10.91
N TYR A 355 -1.60 3.25 10.12
CA TYR A 355 -2.35 2.31 9.30
C TYR A 355 -2.28 0.93 9.95
N PHE A 356 -3.43 0.26 10.06
CA PHE A 356 -3.49 -1.03 10.74
C PHE A 356 -4.12 -2.10 9.85
N TYR A 357 -3.74 -3.35 10.08
CA TYR A 357 -4.43 -4.48 9.47
C TYR A 357 -5.84 -4.54 10.03
N GLN A 358 -6.75 -5.13 9.27
CA GLN A 358 -8.09 -5.47 9.77
C GLN A 358 -8.52 -6.79 9.16
N ASP A 359 -9.50 -7.45 9.79
CA ASP A 359 -9.99 -8.73 9.30
C ASP A 359 -10.56 -8.63 7.89
N LYS A 360 -10.25 -9.62 7.05
CA LYS A 360 -10.86 -9.75 5.73
C LYS A 360 -12.38 -9.98 5.86
N PRO A 361 -13.16 -9.46 4.91
CA PRO A 361 -14.62 -9.67 4.90
C PRO A 361 -15.03 -11.01 4.27
N TYR A 362 -14.08 -11.74 3.68
CA TYR A 362 -14.38 -12.99 3.00
C TYR A 362 -13.57 -14.16 3.57
N GLU A 363 -13.76 -15.34 2.99
CA GLU A 363 -13.21 -16.62 3.46
C GLU A 363 -13.24 -16.88 4.98
CHA HEM B . 5.46 -0.79 3.56
CHB HEM B . 8.13 1.48 0.22
CHC HEM B . 4.79 5.04 0.14
CHD HEM B . 2.69 3.15 4.06
C1A HEM B . 6.37 -0.48 2.60
C2A HEM B . 7.32 -1.43 2.12
C3A HEM B . 8.07 -0.80 1.19
C4A HEM B . 7.60 0.54 1.08
CMA HEM B . 9.20 -1.42 0.41
CAA HEM B . 7.46 -2.87 2.56
CBA HEM B . 6.25 -3.64 2.01
CGA HEM B . 6.54 -5.10 1.76
O1A HEM B . 7.60 -5.62 2.16
O2A HEM B . 5.69 -5.78 1.14
C1B HEM B . 7.39 2.61 -0.12
C2B HEM B . 7.74 3.44 -1.22
C3B HEM B . 6.83 4.44 -1.28
C4B HEM B . 5.89 4.21 -0.14
CMB HEM B . 8.88 3.24 -2.18
CAB HEM B . 6.83 5.52 -2.29
CBB HEM B . 6.39 6.77 -2.05
C1C HEM B . 3.86 4.84 1.15
C2C HEM B . 2.67 5.57 1.38
C3C HEM B . 2.07 5.04 2.53
C4C HEM B . 2.91 3.96 2.96
CMC HEM B . 2.17 6.70 0.53
CAC HEM B . 0.80 5.44 3.18
CBC HEM B . 0.28 6.67 3.20
C1D HEM B . 3.27 1.89 4.16
C2D HEM B . 2.74 0.87 5.10
C3D HEM B . 3.51 -0.21 4.96
C4D HEM B . 4.51 0.13 3.94
CMD HEM B . 1.57 1.01 6.04
CAD HEM B . 3.35 -1.52 5.69
CBD HEM B . 2.25 -2.31 4.96
CGD HEM B . 1.90 -3.61 5.65
O1D HEM B . 1.34 -4.51 4.99
O2D HEM B . 2.13 -3.79 6.87
NA HEM B . 6.56 0.74 1.97
NB HEM B . 6.29 3.08 0.49
NC HEM B . 3.98 3.89 2.13
ND HEM B . 4.32 1.37 3.48
FE HEM B . 5.36 2.32 2.22
N1 H4B C . 10.08 -7.45 5.02
C2 H4B C . 9.33 -6.91 4.01
N2 H4B C . 9.67 -5.71 3.45
N3 H4B C . 8.23 -7.53 3.52
C4 H4B C . 7.80 -8.70 4.00
O4 H4B C . 6.78 -9.23 3.52
C4A H4B C . 8.56 -9.34 5.10
C8A H4B C . 9.77 -8.64 5.58
N5 H4B C . 8.21 -10.52 5.64
N8 H4B C . 10.50 -9.17 6.59
C6 H4B C . 8.71 -10.87 6.97
C7 H4B C . 10.20 -10.51 7.06
C9 H4B C . 8.47 -12.36 7.21
O9 H4B C . 9.52 -13.08 6.57
C10 H4B C . 8.31 -12.79 8.68
C11 H4B C . 6.88 -12.54 9.16
O10 H4B C . 9.23 -12.15 9.58
CL CL D . 3.01 -5.60 -4.11
N02 HW1 E . -2.50 -5.16 3.62
C02 HW1 E . -2.08 -6.32 4.18
C03 HW1 E . -3.00 -7.19 4.78
C04 HW1 E . -2.54 -8.37 5.35
C07 HW1 E . -3.51 -9.32 6.00
C05 HW1 E . -1.18 -8.67 5.31
N01 HW1 E . -0.76 -6.64 4.16
C06 HW1 E . -0.29 -7.80 4.70
C08 HW1 E . 1.21 -8.09 4.67
C3' HW1 E . 1.65 -9.02 3.53
C2' HW1 E . 3.11 -9.43 3.69
N1' HW1 E . 3.77 -9.26 2.37
C5' HW1 E . 2.70 -9.10 1.39
C4' HW1 E . 1.60 -8.38 2.15
O09 HW1 E . 1.97 -7.02 2.25
C10 HW1 E . 1.43 -6.23 1.22
C11 HW1 E . 1.51 -4.77 1.63
C12 HW1 E . 2.81 -4.18 1.12
C13 HW1 E . 2.61 -2.76 0.65
C14 HW1 E . 3.68 -2.48 -0.38
C26 HW1 E . 3.75 -1.03 -0.74
N21 HW1 E . 4.82 -0.66 -1.47
C22 HW1 E . 5.00 0.60 -1.85
N22 HW1 E . 6.11 0.86 -2.58
C23 HW1 E . 4.07 1.59 -1.51
C24 HW1 E . 2.96 1.23 -0.75
C25 HW1 E . 2.79 -0.09 -0.36
C27 HW1 E . 1.94 2.27 -0.36
C1 GOL F . 2.66 -18.99 -10.61
O1 GOL F . 2.27 -20.11 -9.81
C2 GOL F . 2.98 -19.44 -12.03
O2 GOL F . 4.25 -20.07 -12.04
C3 GOL F . 3.03 -18.21 -12.91
O3 GOL F . 3.71 -18.55 -14.12
#